data_5X9D
#
_entry.id   5X9D
#
_cell.length_a   106.171
_cell.length_b   106.171
_cell.length_c   56.874
_cell.angle_alpha   90.000
_cell.angle_beta   90.000
_cell.angle_gamma   90.000
#
_symmetry.space_group_name_H-M   'I 41'
#
loop_
_entity.id
_entity.type
_entity.pdbx_description
1 polymer 'Homoserine dehydrogenase'
2 non-polymer '(2R)-3-[[(4S)-3-aminocarbonyl-1-[(2R,3R,4S,5R)-5-[[[[(2R,3S,4R,5R)-5-(6-aminopurin-9-yl)-3,4-bis(oxidanyl)oxolan-2-yl]methoxy-oxidanyl-phosphoryl]oxy-oxidanyl-phosphoryl]oxymethyl]-3,4-bis(oxidanyl)oxolan-2-yl]-4H-pyridin-4-yl]sulfanyl]-2-azanyl-propanoic acid'
3 non-polymer 'L(+)-TARTARIC ACID'
4 water water
#
_entity_poly.entity_id   1
_entity_poly.type   'polypeptide(L)'
_entity_poly.pdbx_seq_one_letter_code
;MKLLLFGYGNVGKAFRKLLHEKRSPELNDVIIGGIVTRRGIMLQDKEDFTPDLEGDVFKAFEKIKPDIIVDVSSANYNNG
EPSLSLYKEAIKDGVNIITTNKAPLALAFNEIFSLARSKGVKIGFQGTVMSGTPSINLYRVLPGSRVIKIRGILNGTTNF
ILTLMNKGVSFEEALKEAQRRGYAEEDPTLDINGFDAAAKITILANFMIGNSVTIKDVKFEGINRDLPKNEKIKLIAYAD
EKEVWVKPLPISQDDPLYNVDGVENALEITTDIQSILIRGPGAGPVNAAYGALSDLILLKRDCL
;
_entity_poly.pdbx_strand_id   A
#
loop_
_chem_comp.id
_chem_comp.type
_chem_comp.name
_chem_comp.formula
80F non-polymer '(2R)-3-[[(4S)-3-aminocarbonyl-1-[(2R,3R,4S,5R)-5-[[[[(2R,3S,4R,5R)-5-(6-aminopurin-9-yl)-3,4-bis(oxidanyl)oxolan-2-yl]methoxy-oxidanyl-phosphoryl]oxy-oxidanyl-phosphoryl]oxymethyl]-3,4-bis(oxidanyl)oxolan-2-yl]-4H-pyridin-4-yl]sulfanyl]-2-azanyl-propanoic acid' 'C24 H34 N8 O16 P2 S'
TLA non-polymer 'L(+)-TARTARIC ACID' 'C4 H6 O6'
#
# COMPACT_ATOMS: atom_id res chain seq x y z
N MET A 1 15.16 11.67 -15.02
CA MET A 1 14.29 11.53 -13.82
C MET A 1 14.98 10.70 -12.74
N LYS A 2 15.24 11.34 -11.61
CA LYS A 2 15.98 10.74 -10.53
C LYS A 2 15.07 10.33 -9.38
N LEU A 3 15.11 9.05 -9.02
CA LEU A 3 14.38 8.49 -7.88
C LEU A 3 15.24 8.39 -6.62
N LEU A 4 14.63 8.70 -5.49
CA LEU A 4 15.16 8.29 -4.20
C LEU A 4 14.29 7.12 -3.72
N LEU A 5 14.93 5.96 -3.57
CA LEU A 5 14.26 4.80 -3.02
C LEU A 5 14.40 4.77 -1.50
N PHE A 6 13.28 5.02 -0.82
CA PHE A 6 13.23 5.04 0.63
C PHE A 6 12.71 3.72 1.14
N GLY A 7 13.65 2.89 1.58
CA GLY A 7 13.38 1.51 1.99
C GLY A 7 13.95 0.55 0.98
N TYR A 8 14.49 -0.56 1.48
CA TYR A 8 15.00 -1.62 0.61
C TYR A 8 14.79 -2.98 1.27
N GLY A 9 13.59 -3.17 1.83
CA GLY A 9 13.11 -4.48 2.23
C GLY A 9 12.68 -5.24 0.98
N ASN A 10 11.77 -6.21 1.15
CA ASN A 10 11.34 -7.07 0.03
C ASN A 10 10.66 -6.30 -1.11
N VAL A 11 9.86 -5.29 -0.78
CA VAL A 11 9.20 -4.47 -1.81
C VAL A 11 10.24 -3.62 -2.56
N GLY A 12 11.09 -2.90 -1.81
CA GLY A 12 12.17 -2.11 -2.39
C GLY A 12 13.03 -2.89 -3.37
N LYS A 13 13.43 -4.10 -2.95
CA LYS A 13 14.25 -4.98 -3.78
C LYS A 13 13.51 -5.45 -5.03
N ALA A 14 12.23 -5.81 -4.87
CA ALA A 14 11.41 -6.27 -5.99
C ALA A 14 11.13 -5.14 -6.98
N PHE A 15 10.97 -3.92 -6.45
CA PHE A 15 10.81 -2.71 -7.27
C PHE A 15 12.04 -2.42 -8.13
N ARG A 16 13.23 -2.48 -7.53
CA ARG A 16 14.48 -2.26 -8.26
C ARG A 16 14.64 -3.31 -9.39
N LYS A 17 14.40 -4.58 -9.06
CA LYS A 17 14.40 -5.69 -10.01
C LYS A 17 13.42 -5.49 -11.18
N LEU A 18 12.16 -5.15 -10.85
CA LEU A 18 11.12 -4.89 -11.86
C LEU A 18 11.44 -3.70 -12.75
N LEU A 19 11.99 -2.63 -12.17
CA LEU A 19 12.43 -1.48 -12.94
C LEU A 19 13.48 -1.88 -13.99
N HIS A 20 14.48 -2.66 -13.57
CA HIS A 20 15.55 -3.10 -14.46
C HIS A 20 15.03 -4.01 -15.56
N GLU A 21 14.15 -4.95 -15.21
CA GLU A 21 13.57 -5.90 -16.17
C GLU A 21 12.55 -5.29 -17.14
N LYS A 22 11.89 -4.20 -16.74
CA LYS A 22 10.84 -3.55 -17.55
C LYS A 22 11.23 -2.12 -17.98
N ARG A 23 12.53 -1.93 -18.16
CA ARG A 23 13.13 -0.63 -18.48
C ARG A 23 12.71 -0.02 -19.82
N SER A 24 12.40 -0.87 -20.80
CA SER A 24 12.14 -0.44 -22.18
C SER A 24 10.66 -0.52 -22.57
N PRO A 25 10.14 0.49 -23.28
CA PRO A 25 10.92 1.65 -23.74
C PRO A 25 10.67 2.95 -22.97
N GLU A 26 9.83 2.88 -21.92
CA GLU A 26 9.30 4.07 -21.26
C GLU A 26 10.14 4.61 -20.10
N LEU A 27 11.02 3.77 -19.57
CA LEU A 27 11.67 4.05 -18.30
C LEU A 27 13.19 4.22 -18.39
N ASN A 28 13.69 4.48 -19.60
CA ASN A 28 15.14 4.57 -19.81
C ASN A 28 15.80 5.77 -19.14
N ASP A 29 15.06 6.87 -19.04
CA ASP A 29 15.55 8.07 -18.35
C ASP A 29 15.21 8.11 -16.85
N VAL A 30 14.79 6.98 -16.30
CA VAL A 30 14.51 6.86 -14.87
C VAL A 30 15.70 6.17 -14.19
N ILE A 31 16.37 6.91 -13.32
CA ILE A 31 17.47 6.32 -12.57
C ILE A 31 17.24 6.38 -11.07
N ILE A 32 17.66 5.31 -10.40
CA ILE A 32 17.70 5.29 -8.95
C ILE A 32 18.97 6.04 -8.56
N GLY A 33 18.78 7.27 -8.07
CA GLY A 33 19.87 8.13 -7.64
C GLY A 33 20.51 7.59 -6.38
N GLY A 34 19.67 7.06 -5.48
CA GLY A 34 20.12 6.50 -4.22
C GLY A 34 19.05 5.71 -3.48
N ILE A 35 19.51 4.86 -2.58
CA ILE A 35 18.67 3.98 -1.78
C ILE A 35 19.00 4.22 -0.29
N VAL A 36 17.96 4.39 0.52
CA VAL A 36 18.13 4.63 1.96
C VAL A 36 17.40 3.57 2.79
N THR A 37 18.15 2.96 3.71
CA THR A 37 17.59 2.07 4.73
C THR A 37 18.04 2.56 6.11
N ARG A 38 17.56 1.91 7.16
CA ARG A 38 18.04 2.15 8.53
C ARG A 38 19.57 2.05 8.61
N ARG A 39 20.17 1.27 7.72
CA ARG A 39 21.60 1.02 7.71
C ARG A 39 22.40 2.20 7.18
N GLY A 40 21.74 3.05 6.40
CA GLY A 40 22.38 4.27 5.90
C GLY A 40 21.96 4.60 4.48
N ILE A 41 22.90 5.19 3.74
CA ILE A 41 22.60 5.77 2.43
C ILE A 41 23.57 5.21 1.37
N MET A 42 23.03 4.52 0.38
CA MET A 42 23.79 4.14 -0.81
C MET A 42 23.47 5.09 -1.97
N LEU A 43 24.51 5.73 -2.50
CA LEU A 43 24.36 6.70 -3.60
C LEU A 43 24.61 6.06 -4.97
N GLN A 44 24.07 4.86 -5.13
CA GLN A 44 24.20 4.04 -6.33
C GLN A 44 22.93 3.23 -6.52
N ASP A 45 22.76 2.74 -7.75
CA ASP A 45 21.79 1.70 -8.03
C ASP A 45 22.55 0.37 -8.11
N LYS A 46 22.49 -0.41 -7.03
CA LYS A 46 23.10 -1.74 -6.95
C LYS A 46 22.09 -2.70 -6.39
N GLU A 47 22.20 -3.96 -6.81
CA GLU A 47 21.36 -5.03 -6.29
C GLU A 47 21.54 -5.22 -4.77
N ASP A 48 22.80 -5.30 -4.33
CA ASP A 48 23.12 -5.47 -2.92
C ASP A 48 23.38 -4.11 -2.28
N PHE A 49 22.71 -3.86 -1.15
CA PHE A 49 22.85 -2.58 -0.44
C PHE A 49 24.17 -2.52 0.33
N THR A 50 24.90 -1.42 0.14
CA THR A 50 26.10 -1.10 0.90
C THR A 50 26.07 0.41 1.15
N PRO A 51 26.09 0.84 2.44
CA PRO A 51 26.08 2.28 2.72
C PRO A 51 27.34 2.99 2.25
N ASP A 52 27.16 4.17 1.68
CA ASP A 52 28.28 5.02 1.27
C ASP A 52 28.51 6.04 2.35
N LEU A 53 27.44 6.34 3.09
CA LEU A 53 27.48 7.19 4.25
C LEU A 53 26.36 6.81 5.22
N GLU A 54 26.54 7.22 6.47
CA GLU A 54 25.46 7.17 7.44
C GLU A 54 24.63 8.45 7.27
N GLY A 55 23.41 8.40 7.78
CA GLY A 55 22.47 9.52 7.66
C GLY A 55 21.07 9.02 7.44
N ASP A 56 20.11 9.86 7.79
CA ASP A 56 18.71 9.50 7.65
C ASP A 56 18.20 9.89 6.27
N VAL A 57 16.90 9.69 6.06
CA VAL A 57 16.24 9.96 4.78
C VAL A 57 16.29 11.44 4.34
N PHE A 58 16.35 12.36 5.32
CA PHE A 58 16.41 13.81 5.02
C PHE A 58 17.76 14.23 4.47
N LYS A 59 18.83 13.65 5.02
CA LYS A 59 20.19 13.77 4.50
C LYS A 59 20.27 13.22 3.08
N ALA A 60 19.71 12.02 2.87
CA ALA A 60 19.63 11.39 1.54
C ALA A 60 18.85 12.24 0.55
N PHE A 61 17.77 12.86 1.02
CA PHE A 61 16.95 13.76 0.20
C PHE A 61 17.75 15.02 -0.21
N GLU A 62 18.47 15.62 0.74
CA GLU A 62 19.31 16.80 0.48
C GLU A 62 20.48 16.48 -0.44
N LYS A 63 21.07 15.29 -0.24
CA LYS A 63 22.21 14.82 -1.05
C LYS A 63 21.82 14.49 -2.52
N ILE A 64 20.79 13.66 -2.68
CA ILE A 64 20.37 13.20 -4.03
C ILE A 64 19.57 14.26 -4.81
N LYS A 65 18.82 15.10 -4.09
CA LYS A 65 17.89 16.08 -4.69
C LYS A 65 17.01 15.45 -5.81
N PRO A 66 16.16 14.45 -5.45
CA PRO A 66 15.44 13.65 -6.48
C PRO A 66 14.23 14.36 -7.12
N ASP A 67 13.80 13.86 -8.28
CA ASP A 67 12.53 14.28 -8.88
C ASP A 67 11.33 13.57 -8.22
N ILE A 68 11.56 12.35 -7.73
CA ILE A 68 10.53 11.49 -7.13
C ILE A 68 11.12 10.73 -5.94
N ILE A 69 10.35 10.64 -4.86
CA ILE A 69 10.62 9.71 -3.77
C ILE A 69 9.72 8.49 -3.93
N VAL A 70 10.33 7.31 -3.87
CA VAL A 70 9.58 6.06 -3.78
C VAL A 70 9.62 5.59 -2.32
N ASP A 71 8.48 5.69 -1.65
CA ASP A 71 8.38 5.32 -0.26
C ASP A 71 7.93 3.86 -0.14
N VAL A 72 8.92 3.01 0.14
CA VAL A 72 8.69 1.59 0.42
C VAL A 72 9.27 1.27 1.82
N SER A 73 9.22 2.24 2.71
CA SER A 73 9.63 2.08 4.12
C SER A 73 8.46 1.51 4.93
N SER A 74 8.74 1.11 6.17
CA SER A 74 7.73 0.46 7.02
C SER A 74 6.73 1.44 7.64
N ALA A 75 5.56 0.91 7.98
CA ALA A 75 4.46 1.67 8.57
C ALA A 75 4.79 2.19 9.97
N ASN A 76 4.32 3.40 10.28
CA ASN A 76 4.34 3.98 11.62
C ASN A 76 2.98 4.69 11.84
N TYR A 77 2.06 3.99 12.51
CA TYR A 77 0.72 4.51 12.72
C TYR A 77 0.55 5.42 13.94
N ASN A 78 1.60 5.59 14.73
CA ASN A 78 1.61 6.57 15.82
C ASN A 78 1.55 8.00 15.27
N ASN A 79 2.54 8.37 14.46
CA ASN A 79 2.62 9.73 13.90
C ASN A 79 3.01 9.81 12.40
N GLY A 80 3.22 8.66 11.77
CA GLY A 80 3.59 8.58 10.34
C GLY A 80 5.00 8.99 9.96
N GLU A 81 5.87 9.18 10.97
CA GLU A 81 7.24 9.69 10.75
C GLU A 81 8.25 8.55 10.52
N PRO A 82 9.33 8.78 9.76
CA PRO A 82 9.68 10.08 9.14
C PRO A 82 8.93 10.40 7.83
N SER A 83 8.22 9.42 7.27
CA SER A 83 7.56 9.59 5.96
C SER A 83 6.69 10.84 5.86
N LEU A 84 5.90 11.11 6.90
CA LEU A 84 4.98 12.25 6.89
C LEU A 84 5.69 13.58 6.66
N SER A 85 6.67 13.92 7.50
CA SER A 85 7.44 15.17 7.32
C SER A 85 8.29 15.16 6.04
N LEU A 86 8.74 13.98 5.62
CA LEU A 86 9.44 13.83 4.34
C LEU A 86 8.54 14.18 3.15
N TYR A 87 7.29 13.72 3.17
CA TYR A 87 6.31 14.05 2.12
C TYR A 87 6.08 15.56 2.05
N LYS A 88 5.98 16.19 3.23
CA LYS A 88 5.80 17.63 3.36
C LYS A 88 6.96 18.41 2.74
N GLU A 89 8.19 18.05 3.10
CA GLU A 89 9.37 18.64 2.50
C GLU A 89 9.42 18.44 0.99
N ALA A 90 9.19 17.21 0.52
CA ALA A 90 9.21 16.84 -0.90
C ALA A 90 8.21 17.65 -1.72
N ILE A 91 6.95 17.72 -1.26
CA ILE A 91 5.87 18.49 -1.91
C ILE A 91 6.24 19.97 -2.01
N LYS A 92 6.74 20.52 -0.90
CA LYS A 92 7.22 21.90 -0.80
C LYS A 92 8.32 22.20 -1.83
N ASP A 93 9.20 21.22 -2.08
CA ASP A 93 10.25 21.30 -3.10
C ASP A 93 9.80 20.86 -4.49
N GLY A 94 8.51 20.57 -4.65
CA GLY A 94 7.95 20.14 -5.94
C GLY A 94 8.36 18.75 -6.39
N VAL A 95 8.63 17.86 -5.43
CA VAL A 95 9.07 16.49 -5.70
C VAL A 95 7.86 15.53 -5.63
N ASN A 96 7.70 14.70 -6.66
CA ASN A 96 6.62 13.72 -6.70
C ASN A 96 6.83 12.56 -5.74
N ILE A 97 5.73 11.92 -5.35
CA ILE A 97 5.80 10.82 -4.39
C ILE A 97 5.12 9.57 -4.97
N ILE A 98 5.80 8.44 -4.93
CA ILE A 98 5.16 7.14 -5.14
C ILE A 98 5.35 6.35 -3.85
N THR A 99 4.26 5.85 -3.28
CA THR A 99 4.33 5.11 -2.02
C THR A 99 3.59 3.77 -2.03
N THR A 100 4.16 2.80 -1.32
CA THR A 100 3.49 1.55 -0.93
C THR A 100 3.22 1.54 0.59
N ASN A 101 3.85 2.48 1.28
CA ASN A 101 3.64 2.71 2.71
C ASN A 101 2.33 3.48 2.95
N LYS A 102 1.42 2.85 3.69
CA LYS A 102 0.06 3.37 3.95
C LYS A 102 0.00 4.43 5.05
N ALA A 103 0.93 4.39 6.01
CA ALA A 103 0.81 5.16 7.26
C ALA A 103 0.57 6.68 7.11
N PRO A 104 1.40 7.41 6.31
CA PRO A 104 1.14 8.86 6.18
C PRO A 104 -0.24 9.20 5.62
N LEU A 105 -0.66 8.47 4.58
CA LEU A 105 -1.94 8.69 3.93
C LEU A 105 -3.15 8.34 4.81
N ALA A 106 -3.04 7.24 5.56
CA ALA A 106 -4.09 6.82 6.51
C ALA A 106 -4.27 7.79 7.69
N LEU A 107 -3.25 8.62 7.96
CA LEU A 107 -3.26 9.58 9.05
C LEU A 107 -3.58 11.01 8.63
N ALA A 108 -3.09 11.42 7.46
CA ALA A 108 -3.21 12.81 7.01
C ALA A 108 -3.50 12.95 5.52
N PHE A 109 -4.41 12.10 5.00
CA PHE A 109 -4.75 12.09 3.57
C PHE A 109 -5.07 13.47 3.01
N ASN A 110 -6.11 14.10 3.57
CA ASN A 110 -6.64 15.36 3.06
C ASN A 110 -5.60 16.46 3.08
N GLU A 111 -4.83 16.53 4.16
CA GLU A 111 -3.72 17.48 4.29
C GLU A 111 -2.63 17.24 3.24
N ILE A 112 -2.20 15.98 3.10
CA ILE A 112 -1.16 15.62 2.12
C ILE A 112 -1.60 15.99 0.69
N PHE A 113 -2.81 15.59 0.32
CA PHE A 113 -3.31 15.78 -1.03
C PHE A 113 -3.63 17.24 -1.39
N SER A 114 -4.12 18.02 -0.43
CA SER A 114 -4.31 19.46 -0.65
C SER A 114 -2.98 20.20 -0.76
N LEU A 115 -1.99 19.78 0.03
CA LEU A 115 -0.62 20.30 -0.10
C LEU A 115 -0.04 20.02 -1.50
N ALA A 116 -0.17 18.78 -1.97
CA ALA A 116 0.32 18.38 -3.30
C ALA A 116 -0.42 19.06 -4.45
N ARG A 117 -1.74 19.22 -4.31
CA ARG A 117 -2.59 19.88 -5.29
C ARG A 117 -2.19 21.34 -5.51
N SER A 118 -1.91 22.05 -4.41
CA SER A 118 -1.48 23.44 -4.48
C SER A 118 -0.11 23.61 -5.15
N LYS A 119 0.72 22.57 -5.07
CA LYS A 119 2.07 22.58 -5.65
C LYS A 119 2.19 21.93 -7.03
N GLY A 120 1.10 21.32 -7.50
CA GLY A 120 1.07 20.56 -8.76
C GLY A 120 1.88 19.26 -8.70
N VAL A 121 2.06 18.72 -7.50
CA VAL A 121 2.85 17.53 -7.23
C VAL A 121 1.94 16.31 -7.33
N LYS A 122 2.46 15.25 -7.96
CA LYS A 122 1.73 13.99 -8.13
C LYS A 122 2.07 12.97 -7.06
N ILE A 123 1.04 12.22 -6.65
CA ILE A 123 1.18 11.12 -5.68
C ILE A 123 0.60 9.83 -6.26
N GLY A 124 1.48 8.84 -6.42
CA GLY A 124 1.09 7.49 -6.79
C GLY A 124 1.03 6.68 -5.52
N PHE A 125 -0.05 5.93 -5.35
CA PHE A 125 -0.24 5.17 -4.11
C PHE A 125 -1.03 3.86 -4.29
N GLN A 126 -0.94 3.29 -5.49
CA GLN A 126 -1.58 2.01 -5.82
C GLN A 126 -1.16 0.87 -4.87
N GLY A 127 0.14 0.81 -4.56
CA GLY A 127 0.72 -0.26 -3.74
C GLY A 127 0.21 -0.29 -2.31
N THR A 128 -0.38 0.82 -1.86
CA THR A 128 -1.00 0.89 -0.52
C THR A 128 -2.28 0.04 -0.36
N VAL A 129 -2.96 -0.28 -1.46
CA VAL A 129 -4.22 -1.06 -1.40
C VAL A 129 -4.23 -2.15 -2.46
N MET A 130 -4.27 -3.40 -2.00
CA MET A 130 -4.30 -4.60 -2.88
C MET A 130 -3.09 -4.72 -3.80
N SER A 131 -1.96 -4.19 -3.30
CA SER A 131 -0.65 -4.28 -3.94
C SER A 131 -0.63 -3.91 -5.43
N GLY A 132 -0.58 -4.93 -6.31
CA GLY A 132 -0.51 -4.74 -7.75
C GLY A 132 -1.83 -4.89 -8.49
N THR A 133 -2.91 -5.17 -7.75
CA THR A 133 -4.28 -5.28 -8.28
C THR A 133 -4.94 -3.90 -8.25
N PRO A 134 -5.21 -3.31 -9.46
CA PRO A 134 -5.73 -1.95 -9.54
C PRO A 134 -6.88 -1.72 -8.59
N SER A 135 -6.73 -0.69 -7.78
CA SER A 135 -7.67 -0.35 -6.74
C SER A 135 -7.74 1.16 -6.79
N ILE A 136 -6.67 1.81 -6.35
CA ILE A 136 -6.43 3.23 -6.57
C ILE A 136 -6.44 3.54 -8.07
N ASN A 137 -5.75 2.72 -8.85
CA ASN A 137 -5.60 2.95 -10.27
C ASN A 137 -6.81 2.48 -11.07
N LEU A 138 -7.60 1.58 -10.46
CA LEU A 138 -8.91 1.22 -11.00
C LEU A 138 -9.84 2.43 -10.94
N TYR A 139 -9.81 3.15 -9.83
CA TYR A 139 -10.60 4.36 -9.69
C TYR A 139 -10.18 5.45 -10.69
N ARG A 140 -8.88 5.53 -10.98
CA ARG A 140 -8.34 6.46 -12.00
C ARG A 140 -8.97 6.25 -13.38
N VAL A 141 -9.31 5.00 -13.71
CA VAL A 141 -10.03 4.73 -14.96
C VAL A 141 -11.56 4.65 -14.76
N LEU A 142 -12.03 5.15 -13.63
CA LEU A 142 -13.46 5.36 -13.44
C LEU A 142 -13.78 6.85 -13.22
N PRO A 143 -13.39 7.71 -14.19
CA PRO A 143 -13.60 9.14 -13.95
C PRO A 143 -15.08 9.48 -13.97
N GLY A 144 -15.46 10.48 -13.16
CA GLY A 144 -16.85 10.89 -13.01
C GLY A 144 -17.73 9.92 -12.25
N SER A 145 -17.17 8.82 -11.74
CA SER A 145 -17.92 7.86 -10.92
C SER A 145 -18.07 8.38 -9.50
N ARG A 146 -19.30 8.41 -9.02
CA ARG A 146 -19.59 8.80 -7.64
C ARG A 146 -19.66 7.54 -6.80
N VAL A 147 -18.66 7.31 -5.95
CA VAL A 147 -18.60 6.08 -5.14
C VAL A 147 -19.49 6.20 -3.89
N ILE A 148 -20.50 5.35 -3.82
CA ILE A 148 -21.52 5.37 -2.75
C ILE A 148 -21.03 4.52 -1.57
N LYS A 149 -20.60 3.29 -1.87
CA LYS A 149 -20.06 2.41 -0.85
C LYS A 149 -19.01 1.45 -1.40
N ILE A 150 -18.16 0.96 -0.49
CA ILE A 150 -17.15 -0.03 -0.80
C ILE A 150 -17.05 -1.11 0.29
N ARG A 151 -16.78 -2.33 -0.14
CA ARG A 151 -16.63 -3.46 0.77
C ARG A 151 -15.58 -4.39 0.20
N GLY A 152 -14.71 -4.94 1.07
CA GLY A 152 -13.79 -5.98 0.63
C GLY A 152 -12.84 -6.61 1.63
N ILE A 153 -12.05 -7.55 1.12
CA ILE A 153 -11.00 -8.20 1.88
C ILE A 153 -9.71 -7.50 1.45
N LEU A 154 -9.10 -6.77 2.39
CA LEU A 154 -7.98 -5.86 2.10
C LEU A 154 -6.65 -6.21 2.79
N ASN A 155 -6.63 -7.28 3.59
CA ASN A 155 -5.37 -7.74 4.20
C ASN A 155 -4.98 -9.13 3.70
N GLY A 156 -3.85 -9.20 3.00
CA GLY A 156 -3.37 -10.45 2.41
C GLY A 156 -2.96 -11.50 3.44
N THR A 157 -2.28 -11.03 4.49
CA THR A 157 -1.67 -11.88 5.53
C THR A 157 -2.70 -12.68 6.34
N THR A 158 -3.71 -12.00 6.89
CA THR A 158 -4.77 -12.67 7.65
C THR A 158 -5.62 -13.62 6.82
N ASN A 159 -5.91 -13.25 5.57
CA ASN A 159 -6.65 -14.10 4.63
C ASN A 159 -5.86 -15.37 4.31
N PHE A 160 -4.55 -15.23 4.16
CA PHE A 160 -3.64 -16.36 3.95
C PHE A 160 -3.60 -17.28 5.18
N ILE A 161 -3.59 -16.66 6.37
CA ILE A 161 -3.56 -17.37 7.66
C ILE A 161 -4.81 -18.25 7.83
N LEU A 162 -5.98 -17.63 7.69
CA LEU A 162 -7.29 -18.31 7.74
C LEU A 162 -7.40 -19.47 6.76
N THR A 163 -6.89 -19.28 5.54
CA THR A 163 -6.89 -20.31 4.52
C THR A 163 -6.00 -21.51 4.93
N LEU A 164 -4.78 -21.22 5.39
CA LEU A 164 -3.84 -22.27 5.81
C LEU A 164 -4.33 -23.04 7.03
N MET A 165 -5.00 -22.33 7.95
CA MET A 165 -5.54 -22.92 9.18
C MET A 165 -6.57 -24.04 8.96
N ASN A 166 -7.29 -23.97 7.84
CA ASN A 166 -8.22 -25.03 7.43
C ASN A 166 -7.58 -26.14 6.57
N LYS A 167 -6.29 -25.98 6.28
CA LYS A 167 -5.49 -27.05 5.68
C LYS A 167 -4.64 -27.76 6.75
N GLY A 168 -5.06 -27.65 8.02
CA GLY A 168 -4.41 -28.29 9.16
C GLY A 168 -3.10 -27.63 9.60
N VAL A 169 -2.95 -26.35 9.29
CA VAL A 169 -1.78 -25.56 9.69
C VAL A 169 -2.16 -24.74 10.93
N SER A 170 -1.27 -24.72 11.92
CA SER A 170 -1.44 -23.90 13.13
C SER A 170 -1.28 -22.40 12.82
N PHE A 171 -1.84 -21.56 13.68
CA PHE A 171 -1.71 -20.10 13.59
C PHE A 171 -0.25 -19.65 13.41
N GLU A 172 0.60 -20.08 14.33
CA GLU A 172 2.01 -19.70 14.38
C GLU A 172 2.75 -20.13 13.11
N GLU A 173 2.45 -21.33 12.63
CA GLU A 173 3.01 -21.84 11.39
C GLU A 173 2.52 -21.09 10.16
N ALA A 174 1.24 -20.70 10.17
CA ALA A 174 0.63 -19.93 9.09
C ALA A 174 1.25 -18.53 9.00
N LEU A 175 1.35 -17.84 10.15
CA LEU A 175 2.03 -16.54 10.26
C LEU A 175 3.49 -16.61 9.77
N LYS A 176 4.20 -17.67 10.17
CA LYS A 176 5.61 -17.84 9.82
C LYS A 176 5.80 -18.04 8.32
N GLU A 177 4.86 -18.77 7.70
CA GLU A 177 4.83 -18.93 6.25
C GLU A 177 4.46 -17.62 5.50
N ALA A 178 3.56 -16.84 6.09
CA ALA A 178 3.21 -15.50 5.58
C ALA A 178 4.43 -14.57 5.59
N GLN A 179 5.18 -14.61 6.69
CA GLN A 179 6.45 -13.88 6.82
C GLN A 179 7.51 -14.41 5.88
N ARG A 180 7.59 -15.74 5.72
CA ARG A 180 8.54 -16.35 4.80
C ARG A 180 8.30 -15.87 3.37
N ARG A 181 7.03 -15.77 2.99
CA ARG A 181 6.65 -15.31 1.66
C ARG A 181 6.75 -13.79 1.51
N GLY A 182 6.85 -13.11 2.66
CA GLY A 182 7.05 -11.66 2.70
C GLY A 182 5.75 -10.91 2.57
N TYR A 183 4.67 -11.54 3.02
CA TYR A 183 3.33 -10.95 2.98
C TYR A 183 3.11 -9.96 4.12
N ALA A 184 3.71 -10.24 5.27
CA ALA A 184 3.39 -9.52 6.50
C ALA A 184 4.09 -8.15 6.61
N GLU A 185 3.47 -7.25 7.37
CA GLU A 185 4.14 -6.03 7.83
C GLU A 185 5.35 -6.41 8.71
N GLU A 186 6.38 -5.57 8.69
CA GLU A 186 7.55 -5.67 9.57
C GLU A 186 7.12 -5.96 11.03
N ASP A 187 6.12 -5.22 11.51
CA ASP A 187 5.43 -5.53 12.75
C ASP A 187 4.19 -6.37 12.37
N PRO A 188 4.27 -7.72 12.53
CA PRO A 188 3.19 -8.61 12.06
C PRO A 188 1.85 -8.40 12.78
N THR A 189 1.88 -7.72 13.93
CA THR A 189 0.67 -7.44 14.69
C THR A 189 -0.23 -6.46 13.95
N LEU A 190 0.38 -5.61 13.10
CA LEU A 190 -0.37 -4.67 12.25
C LEU A 190 -1.33 -5.39 11.30
N ASP A 191 -0.94 -6.57 10.84
CA ASP A 191 -1.84 -7.44 10.08
C ASP A 191 -2.88 -8.08 11.00
N ILE A 192 -2.40 -8.65 12.11
CA ILE A 192 -3.22 -9.43 13.04
C ILE A 192 -4.34 -8.61 13.69
N ASN A 193 -4.03 -7.42 14.20
CA ASN A 193 -5.00 -6.57 14.90
C ASN A 193 -5.88 -5.70 13.98
N GLY A 194 -5.76 -5.92 12.67
CA GLY A 194 -6.54 -5.20 11.66
C GLY A 194 -6.12 -3.77 11.34
N PHE A 195 -4.97 -3.31 11.83
CA PHE A 195 -4.42 -1.97 11.53
C PHE A 195 -4.17 -1.75 10.04
N ASP A 196 -3.61 -2.77 9.38
CA ASP A 196 -3.29 -2.71 7.97
C ASP A 196 -4.55 -2.58 7.11
N ALA A 197 -5.53 -3.46 7.33
CA ALA A 197 -6.84 -3.38 6.66
C ALA A 197 -7.54 -2.06 6.92
N ALA A 198 -7.44 -1.54 8.14
CA ALA A 198 -8.04 -0.27 8.54
C ALA A 198 -7.42 0.92 7.82
N ALA A 199 -6.10 0.87 7.64
CA ALA A 199 -5.36 1.88 6.89
C ALA A 199 -5.85 1.94 5.46
N LYS A 200 -6.04 0.77 4.85
CA LYS A 200 -6.45 0.64 3.45
C LYS A 200 -7.86 1.15 3.19
N ILE A 201 -8.82 0.79 4.06
CA ILE A 201 -10.20 1.29 3.94
C ILE A 201 -10.28 2.82 4.20
N THR A 202 -9.43 3.33 5.10
CA THR A 202 -9.29 4.77 5.32
C THR A 202 -8.85 5.49 4.05
N ILE A 203 -7.76 5.00 3.44
CA ILE A 203 -7.23 5.55 2.18
C ILE A 203 -8.35 5.56 1.12
N LEU A 204 -9.04 4.43 0.96
CA LEU A 204 -10.12 4.28 -0.03
C LEU A 204 -11.32 5.19 0.24
N ALA A 205 -11.72 5.30 1.52
CA ALA A 205 -12.80 6.22 1.91
C ALA A 205 -12.48 7.66 1.52
N ASN A 206 -11.24 8.07 1.79
CA ASN A 206 -10.73 9.40 1.43
C ASN A 206 -10.73 9.64 -0.09
N PHE A 207 -10.09 8.74 -0.83
CA PHE A 207 -9.86 8.88 -2.26
C PHE A 207 -11.10 8.62 -3.11
N MET A 208 -11.81 7.53 -2.83
CA MET A 208 -12.95 7.15 -3.65
C MET A 208 -14.24 7.84 -3.23
N ILE A 209 -14.56 7.79 -1.93
CA ILE A 209 -15.83 8.30 -1.42
C ILE A 209 -15.77 9.82 -1.18
N GLY A 210 -14.62 10.32 -0.74
CA GLY A 210 -14.44 11.75 -0.49
C GLY A 210 -14.69 12.10 0.96
N ASN A 211 -14.97 11.07 1.75
CA ASN A 211 -15.11 11.14 3.20
C ASN A 211 -13.74 11.44 3.83
N SER A 212 -13.59 12.61 4.41
CA SER A 212 -12.33 13.01 5.02
C SER A 212 -12.16 12.36 6.40
N VAL A 213 -11.36 11.30 6.44
CA VAL A 213 -11.25 10.40 7.61
C VAL A 213 -9.81 10.01 7.92
N THR A 214 -9.45 10.03 9.20
CA THR A 214 -8.19 9.46 9.71
C THR A 214 -8.40 8.05 10.29
N ILE A 215 -7.33 7.24 10.27
CA ILE A 215 -7.34 5.89 10.87
C ILE A 215 -7.66 5.93 12.37
N LYS A 216 -7.32 7.04 13.02
CA LYS A 216 -7.54 7.25 14.47
C LYS A 216 -8.99 7.14 14.90
N ASP A 217 -9.92 7.40 13.96
CA ASP A 217 -11.35 7.40 14.24
C ASP A 217 -12.09 6.21 13.61
N VAL A 218 -11.36 5.35 12.92
CA VAL A 218 -11.94 4.15 12.33
C VAL A 218 -12.03 3.06 13.41
N LYS A 219 -13.21 2.45 13.53
CA LYS A 219 -13.41 1.34 14.46
C LYS A 219 -13.02 0.04 13.76
N PHE A 220 -12.02 -0.65 14.31
CA PHE A 220 -11.50 -1.86 13.70
C PHE A 220 -11.01 -2.93 14.69
N GLU A 221 -10.94 -4.17 14.23
CA GLU A 221 -10.38 -5.29 14.98
C GLU A 221 -9.88 -6.34 14.00
N GLY A 222 -9.01 -7.23 14.49
CA GLY A 222 -8.43 -8.28 13.65
C GLY A 222 -9.02 -9.66 13.83
N ILE A 223 -8.25 -10.66 13.40
CA ILE A 223 -8.62 -12.06 13.51
C ILE A 223 -8.29 -12.63 14.91
N ASN A 224 -8.68 -13.87 15.16
CA ASN A 224 -8.40 -14.58 16.42
C ASN A 224 -7.42 -15.74 16.27
N ARG A 225 -7.06 -16.34 17.41
CA ARG A 225 -6.38 -17.64 17.43
C ARG A 225 -7.33 -18.75 17.00
N ASP A 226 -8.61 -18.66 17.42
CA ASP A 226 -9.64 -19.62 17.03
C ASP A 226 -10.16 -19.29 15.62
N PRO A 228 -14.82 -20.75 14.02
CA PRO A 228 -13.92 -21.69 13.35
C PRO A 228 -14.57 -23.04 13.06
N LYS A 229 -14.00 -23.75 12.08
CA LYS A 229 -14.41 -25.11 11.65
C LYS A 229 -15.80 -25.24 11.00
N ASN A 230 -16.83 -24.60 11.57
CA ASN A 230 -18.20 -24.68 11.02
C ASN A 230 -18.46 -23.72 9.85
N GLU A 231 -18.10 -22.44 10.00
CA GLU A 231 -18.28 -21.46 8.92
C GLU A 231 -16.95 -20.93 8.36
N LYS A 232 -17.05 -20.10 7.31
CA LYS A 232 -15.89 -19.43 6.71
C LYS A 232 -15.82 -17.98 7.17
N ILE A 233 -14.76 -17.67 7.91
CA ILE A 233 -14.50 -16.32 8.43
C ILE A 233 -13.63 -15.52 7.45
N LYS A 234 -13.99 -14.25 7.27
CA LYS A 234 -13.18 -13.29 6.51
C LYS A 234 -13.13 -11.96 7.25
N LEU A 235 -11.99 -11.28 7.12
CA LEU A 235 -11.85 -9.92 7.65
C LEU A 235 -12.39 -8.94 6.60
N ILE A 236 -13.52 -8.33 6.94
CA ILE A 236 -14.27 -7.47 6.01
C ILE A 236 -14.05 -6.00 6.38
N ALA A 237 -13.58 -5.22 5.40
CA ALA A 237 -13.49 -3.78 5.51
C ALA A 237 -14.62 -3.15 4.70
N TYR A 238 -15.17 -2.05 5.21
CA TYR A 238 -16.34 -1.41 4.63
C TYR A 238 -16.28 0.10 4.84
N ALA A 239 -16.71 0.83 3.80
CA ALA A 239 -16.93 2.27 3.91
C ALA A 239 -18.10 2.74 3.03
N ASP A 240 -18.90 3.65 3.57
CA ASP A 240 -19.82 4.46 2.78
C ASP A 240 -19.66 5.91 3.20
N GLU A 241 -20.58 6.78 2.77
CA GLU A 241 -20.55 8.19 3.15
C GLU A 241 -20.72 8.42 4.66
N LYS A 242 -21.34 7.46 5.34
CA LYS A 242 -21.60 7.54 6.79
C LYS A 242 -20.51 6.85 7.63
N GLU A 243 -20.37 5.52 7.49
CA GLU A 243 -19.52 4.70 8.36
C GLU A 243 -18.27 4.09 7.68
N VAL A 244 -17.22 3.85 8.49
CA VAL A 244 -16.01 3.13 8.05
C VAL A 244 -15.62 2.11 9.14
N TRP A 245 -15.57 0.82 8.79
CA TRP A 245 -15.18 -0.22 9.75
C TRP A 245 -14.44 -1.42 9.19
N VAL A 246 -13.75 -2.14 10.09
CA VAL A 246 -13.16 -3.46 9.79
C VAL A 246 -13.57 -4.44 10.90
N LYS A 247 -14.06 -5.62 10.51
CA LYS A 247 -14.48 -6.66 11.46
C LYS A 247 -14.44 -8.04 10.81
N PRO A 248 -14.02 -9.08 11.57
CA PRO A 248 -14.16 -10.44 11.04
C PRO A 248 -15.64 -10.86 11.04
N LEU A 249 -16.05 -11.59 10.02
CA LEU A 249 -17.47 -11.95 9.85
C LEU A 249 -17.62 -13.34 9.23
N PRO A 250 -18.74 -14.03 9.57
CA PRO A 250 -19.08 -15.23 8.81
C PRO A 250 -19.63 -14.85 7.44
N ILE A 251 -19.21 -15.58 6.41
CA ILE A 251 -19.55 -15.27 5.02
C ILE A 251 -20.28 -16.45 4.36
N SER A 252 -21.47 -16.18 3.84
CA SER A 252 -22.38 -17.21 3.30
C SER A 252 -21.95 -17.70 1.92
N GLN A 253 -22.26 -18.97 1.64
CA GLN A 253 -21.87 -19.63 0.38
C GLN A 253 -22.62 -19.09 -0.82
N ASP A 255 -22.20 -15.28 -0.96
CA ASP A 255 -21.44 -14.03 -0.92
C ASP A 255 -20.37 -14.02 -2.01
N PRO A 256 -20.20 -12.87 -2.72
CA PRO A 256 -19.12 -12.71 -3.71
C PRO A 256 -17.70 -12.83 -3.12
N LEU A 257 -17.54 -12.54 -1.84
CA LEU A 257 -16.25 -12.62 -1.16
C LEU A 257 -15.92 -14.01 -0.55
N TYR A 258 -16.71 -15.03 -0.91
CA TYR A 258 -16.62 -16.37 -0.30
C TYR A 258 -15.40 -17.18 -0.74
N ASN A 259 -15.15 -17.24 -2.06
CA ASN A 259 -14.00 -17.98 -2.59
C ASN A 259 -12.73 -17.15 -2.73
N VAL A 260 -12.67 -16.00 -2.04
CA VAL A 260 -11.47 -15.13 -2.01
C VAL A 260 -10.52 -15.69 -0.93
N ASP A 261 -9.65 -16.61 -1.35
CA ASP A 261 -8.83 -17.43 -0.45
C ASP A 261 -7.32 -17.25 -0.65
N GLY A 262 -6.54 -17.74 0.32
CA GLY A 262 -5.09 -17.58 0.34
C GLY A 262 -4.73 -16.10 0.52
N VAL A 263 -3.71 -15.66 -0.22
CA VAL A 263 -3.30 -14.25 -0.18
C VAL A 263 -4.20 -13.31 -1.04
N GLU A 264 -5.20 -13.89 -1.72
CA GLU A 264 -6.09 -13.11 -2.59
C GLU A 264 -6.90 -12.10 -1.79
N ASN A 265 -7.06 -10.92 -2.39
CA ASN A 265 -7.92 -9.86 -1.88
C ASN A 265 -8.98 -9.53 -2.94
N ALA A 266 -10.03 -8.81 -2.54
CA ALA A 266 -11.08 -8.37 -3.46
C ALA A 266 -11.70 -7.07 -3.00
N LEU A 267 -12.19 -6.27 -3.96
CA LEU A 267 -12.85 -5.00 -3.66
C LEU A 267 -14.15 -4.78 -4.45
N GLU A 268 -15.26 -4.65 -3.72
CA GLU A 268 -16.56 -4.30 -4.29
C GLU A 268 -16.75 -2.80 -4.23
N ILE A 269 -16.98 -2.19 -5.39
CA ILE A 269 -17.18 -0.74 -5.52
C ILE A 269 -18.58 -0.49 -6.08
N THR A 270 -19.39 0.28 -5.34
CA THR A 270 -20.73 0.67 -5.77
C THR A 270 -20.74 2.15 -6.11
N THR A 271 -21.07 2.44 -7.36
CA THR A 271 -21.18 3.81 -7.85
C THR A 271 -22.62 4.14 -8.28
N ASP A 272 -22.83 5.41 -8.60
CA ASP A 272 -24.05 5.88 -9.27
C ASP A 272 -24.40 5.07 -10.53
N ILE A 273 -23.37 4.69 -11.30
CA ILE A 273 -23.54 3.97 -12.56
C ILE A 273 -23.84 2.48 -12.33
N GLN A 274 -23.07 1.84 -11.45
CA GLN A 274 -22.96 0.39 -11.40
C GLN A 274 -22.21 -0.09 -10.16
N SER A 275 -22.20 -1.41 -9.98
CA SER A 275 -21.38 -2.06 -8.97
C SER A 275 -20.38 -2.93 -9.69
N ILE A 276 -19.13 -2.84 -9.26
CA ILE A 276 -18.06 -3.71 -9.79
C ILE A 276 -17.25 -4.38 -8.68
N LEU A 277 -16.61 -5.48 -9.01
CA LEU A 277 -15.72 -6.16 -8.09
C LEU A 277 -14.44 -6.48 -8.83
N ILE A 278 -13.31 -6.15 -8.20
CA ILE A 278 -11.99 -6.60 -8.69
C ILE A 278 -11.35 -7.52 -7.64
N ARG A 279 -10.63 -8.55 -8.10
CA ARG A 279 -9.91 -9.45 -7.21
C ARG A 279 -8.56 -9.88 -7.77
N GLY A 280 -7.58 -10.00 -6.87
CA GLY A 280 -6.23 -10.42 -7.21
C GLY A 280 -5.40 -10.54 -5.94
N PRO A 281 -4.10 -10.91 -6.07
CA PRO A 281 -3.25 -11.01 -4.87
C PRO A 281 -3.23 -9.70 -4.07
N GLY A 282 -3.45 -9.79 -2.77
CA GLY A 282 -3.49 -8.62 -1.91
C GLY A 282 -2.14 -8.22 -1.34
N ALA A 283 -1.24 -9.20 -1.25
CA ALA A 283 0.13 -9.00 -0.74
C ALA A 283 1.10 -9.88 -1.54
N GLY A 284 2.39 -9.63 -1.35
CA GLY A 284 3.43 -10.25 -2.15
C GLY A 284 4.37 -9.16 -2.61
N PRO A 285 5.67 -9.25 -2.26
CA PRO A 285 6.64 -8.18 -2.55
C PRO A 285 6.68 -7.77 -4.04
N VAL A 286 6.61 -8.76 -4.94
CA VAL A 286 6.62 -8.52 -6.37
C VAL A 286 5.34 -7.79 -6.79
N ASN A 287 4.21 -8.20 -6.19
CA ASN A 287 2.89 -7.59 -6.47
C ASN A 287 2.85 -6.11 -6.07
N ALA A 288 3.27 -5.82 -4.83
CA ALA A 288 3.31 -4.47 -4.29
C ALA A 288 4.25 -3.58 -5.07
N ALA A 289 5.41 -4.12 -5.42
CA ALA A 289 6.42 -3.40 -6.20
C ALA A 289 5.90 -3.08 -7.60
N TYR A 290 5.11 -4.00 -8.15
CA TYR A 290 4.46 -3.78 -9.45
C TYR A 290 3.40 -2.67 -9.40
N GLY A 291 2.68 -2.58 -8.28
CA GLY A 291 1.80 -1.44 -8.00
C GLY A 291 2.55 -0.12 -8.09
N ALA A 292 3.70 -0.06 -7.42
CA ALA A 292 4.57 1.12 -7.46
C ALA A 292 5.14 1.40 -8.87
N LEU A 293 5.56 0.34 -9.56
CA LEU A 293 6.04 0.45 -10.95
C LEU A 293 4.94 0.95 -11.90
N SER A 294 3.71 0.47 -11.72
CA SER A 294 2.54 0.95 -12.47
C SER A 294 2.38 2.46 -12.28
N ASP A 295 2.42 2.91 -11.02
CA ASP A 295 2.38 4.33 -10.68
C ASP A 295 3.50 5.14 -11.37
N LEU A 296 4.69 4.54 -11.45
CA LEU A 296 5.85 5.16 -12.08
C LEU A 296 5.65 5.35 -13.59
N ILE A 297 5.20 4.29 -14.25
CA ILE A 297 4.90 4.36 -15.69
C ILE A 297 3.79 5.39 -15.96
N LEU A 298 2.72 5.35 -15.16
CA LEU A 298 1.63 6.33 -15.27
C LEU A 298 2.11 7.76 -15.04
N LEU A 299 3.01 7.96 -14.08
CA LEU A 299 3.60 9.29 -13.83
C LEU A 299 4.42 9.73 -15.03
N LYS A 300 5.18 8.81 -15.62
CA LYS A 300 5.97 9.08 -16.81
C LYS A 300 5.07 9.51 -17.97
N ARG A 301 3.89 8.88 -18.07
CA ARG A 301 2.89 9.21 -19.07
C ARG A 301 2.07 10.45 -18.72
N ASP A 302 2.37 11.09 -17.57
CA ASP A 302 1.61 12.24 -17.09
C ASP A 302 0.15 11.88 -16.77
N CYS A 303 -0.06 10.68 -16.21
CA CYS A 303 -1.41 10.17 -15.99
C CYS A 303 -1.74 9.82 -14.54
N LEU A 304 -1.00 10.41 -13.61
CA LEU A 304 -1.31 10.34 -12.18
C LEU A 304 -2.13 11.54 -11.71
PA 80F B . 10.15 -3.84 5.34
O1A 80F B . 9.28 -3.41 6.50
O2A 80F B . 10.43 -5.31 5.35
O5B 80F B . 11.47 -2.96 5.38
C5B 80F B . 11.32 -1.55 5.46
C4B 80F B . 12.53 -0.87 4.83
O4B 80F B . 12.49 0.52 5.16
C3B 80F B . 13.84 -1.40 5.38
O3B 80F B . 14.84 -1.34 4.35
C2B 80F B . 14.18 -0.42 6.48
O2B 80F B . 15.60 -0.37 6.73
C1B 80F B . 13.64 0.88 5.93
N9A 80F B . 13.22 1.80 7.01
C8A 80F B . 12.15 1.65 7.80
N7A 80F B . 12.05 2.67 8.66
C5A 80F B . 13.07 3.51 8.42
C6A 80F B . 13.56 4.78 9.00
N6A 80F B . 12.90 5.36 10.02
N1A 80F B . 14.69 5.32 8.46
C2A 80F B . 15.35 4.74 7.44
N3A 80F B . 14.96 3.58 6.87
C4A 80F B . 13.85 2.94 7.31
O3 80F B . 9.42 -3.38 4.00
PN 80F B . 8.54 -4.21 2.96
O1N 80F B . 8.09 -5.57 3.44
O2N 80F B . 9.38 -4.32 1.73
O5D 80F B . 7.27 -3.27 2.69
C5D 80F B . 7.43 -1.86 2.56
C4D 80F B . 6.06 -1.17 2.54
O4D 80F B . 5.20 -1.74 1.55
C3D 80F B . 5.38 -1.31 3.88
O3D 80F B . 4.99 0.00 4.32
C2D 80F B . 4.17 -2.19 3.59
O2D 80F B . 3.05 -1.85 4.43
C1D 80F B . 3.89 -1.98 2.09
N1N 80F B . 3.12 -3.10 1.47
C2N 80F B . 3.86 -4.29 1.37
C3N 80F B . 3.19 -5.37 0.93
C7N 80F B . 3.79 -6.72 0.96
O7N 80F B . 3.44 -7.59 0.17
C4N 80F B . 1.80 -5.03 0.46
C5N 80F B . 1.73 -3.80 -0.41
C6N 80F B . 2.43 -2.81 0.25
OXT 80F B . -0.88 -8.65 4.21
C 80F B . -0.99 -7.47 3.82
O 80F B . -1.98 -7.07 3.15
CA 80F B . 0.10 -6.50 4.16
N 80F B . 0.94 -6.98 5.27
CB 80F B . 1.03 -6.36 2.96
SG 80F B . 0.37 -5.30 1.73
N7N 80F B . 4.73 -6.96 1.88
O1 TLA C . 21.03 -3.22 8.80
O11 TLA C . 20.71 -4.02 6.80
C1 TLA C . 20.28 -3.70 7.93
C2 TLA C . 18.83 -3.91 8.22
O2 TLA C . 18.14 -4.41 7.08
C3 TLA C . 18.15 -2.61 8.66
O3 TLA C . 18.16 -1.68 7.56
C4 TLA C . 16.74 -2.93 9.08
O4 TLA C . 15.79 -2.30 8.57
O41 TLA C . 16.57 -3.83 9.94
#